data_5E2O
#
_entry.id   5E2O
#
_cell.length_a   78.800
_cell.length_b   78.800
_cell.length_c   106.100
_cell.angle_alpha   90.000
_cell.angle_beta   90.000
_cell.angle_gamma   120.000
#
_symmetry.space_group_name_H-M   'P 32 2 1'
#
loop_
_entity.id
_entity.type
_entity.pdbx_description
1 polymer 'Coagulation factor XIa light chain'
2 non-polymer '4-[(N-{(2E)-3-[5-chloro-2-(1H-tetrazol-1-yl)phenyl]prop-2-enoyl}-L-phenylalanyl)amino]benzoic acid'
3 non-polymer 'SULFATE ION'
4 non-polymer 1,2-ETHANEDIOL
5 water water
#
_entity_poly.entity_id   1
_entity_poly.type   'polypeptide(L)'
_entity_poly.pdbx_seq_one_letter_code
;IVGGTASVRGEWPWQVTLHTTSPTQRHLCGGSIIGNQWILTAAHCFYGVESPKILRVYSGILNQSEIKEDTSFFGVQEII
IHDQYKMAESGYDIALLKLETTVGYGDSQRPICLPSKGDRNVIYTDCWVTGWGYRKLRDKIQNTLQKAKIPLVTNEECQK
RYRGHKITHKMICAGYREGGKDACKGDSGGPLSCKHNEVWHLVGITSWGEGCAQRERPGVYTNVVEYVDWILEKTQAVHH
HHHH
;
_entity_poly.pdbx_strand_id   A
#
loop_
_chem_comp.id
_chem_comp.type
_chem_comp.name
_chem_comp.formula
5JM non-polymer '4-[(N-{(2E)-3-[5-chloro-2-(1H-tetrazol-1-yl)phenyl]prop-2-enoyl}-L-phenylalanyl)amino]benzoic acid' 'C26 H21 Cl N6 O4'
EDO non-polymer 1,2-ETHANEDIOL 'C2 H6 O2'
SO4 non-polymer 'SULFATE ION' 'O4 S -2'
#
# COMPACT_ATOMS: atom_id res chain seq x y z
N ILE A 1 -1.07 8.96 -7.26
CA ILE A 1 -1.15 9.93 -6.19
C ILE A 1 -1.59 11.27 -6.77
N VAL A 2 -2.65 11.85 -6.23
CA VAL A 2 -3.16 13.16 -6.66
C VAL A 2 -2.54 14.21 -5.70
N GLY A 3 -2.11 15.34 -6.25
CA GLY A 3 -1.55 16.45 -5.48
C GLY A 3 -0.26 16.14 -4.74
N GLY A 4 0.49 15.17 -5.25
CA GLY A 4 1.76 14.80 -4.62
C GLY A 4 2.93 15.41 -5.35
N THR A 5 4.17 15.07 -4.91
CA THR A 5 5.40 15.53 -5.54
C THR A 5 6.34 14.34 -5.67
N ALA A 6 7.33 14.45 -6.56
CA ALA A 6 8.32 13.42 -6.81
C ALA A 6 9.00 13.05 -5.49
N SER A 7 9.17 11.76 -5.24
CA SER A 7 9.93 11.32 -4.08
C SER A 7 11.43 11.48 -4.43
N VAL A 8 12.27 11.44 -3.42
CA VAL A 8 13.71 11.47 -3.60
C VAL A 8 14.13 9.96 -3.56
N ARG A 9 15.19 9.57 -4.28
CA ARG A 9 15.66 8.19 -4.24
C ARG A 9 16.03 7.80 -2.81
N GLY A 10 15.57 6.63 -2.37
CA GLY A 10 15.78 6.07 -1.04
C GLY A 10 14.89 6.60 0.07
N GLU A 11 13.94 7.49 -0.27
CA GLU A 11 13.02 8.09 0.69
C GLU A 11 12.04 7.08 1.33
N TRP A 12 11.52 6.15 0.54
CA TRP A 12 10.52 5.15 1.02
C TRP A 12 11.10 3.79 0.66
N PRO A 13 12.22 3.36 1.30
CA PRO A 13 12.90 2.14 0.85
C PRO A 13 12.13 0.84 1.04
N TRP A 14 11.02 0.88 1.76
CA TRP A 14 10.14 -0.29 1.91
C TRP A 14 9.14 -0.39 0.74
N GLN A 15 8.98 0.70 -0.04
CA GLN A 15 8.03 0.73 -1.17
C GLN A 15 8.49 -0.17 -2.31
N VAL A 16 7.59 -1.05 -2.80
CA VAL A 16 7.91 -1.89 -3.95
C VAL A 16 6.86 -1.64 -5.05
N THR A 17 7.20 -2.01 -6.28
CA THR A 17 6.29 -2.01 -7.42
C THR A 17 6.10 -3.47 -7.78
N LEU A 18 4.83 -3.90 -7.70
CA LEU A 18 4.48 -5.27 -8.02
C LEU A 18 4.01 -5.25 -9.47
N HIS A 19 4.72 -5.99 -10.32
CA HIS A 19 4.38 -6.07 -11.74
C HIS A 19 3.74 -7.42 -12.06
N THR A 20 2.91 -7.44 -13.08
CA THR A 20 2.35 -8.68 -13.61
C THR A 20 2.99 -8.82 -15.00
N THR A 21 3.23 -10.05 -15.51
CA THR A 21 3.75 -10.25 -16.88
C THR A 21 2.64 -10.69 -17.84
N SER A 22 1.42 -10.95 -17.36
CA SER A 22 0.24 -11.41 -18.10
C SER A 22 -0.86 -10.35 -18.33
N PRO A 23 -1.24 -10.07 -19.61
CA PRO A 23 -0.69 -10.62 -20.87
C PRO A 23 0.65 -9.98 -21.24
N THR A 24 0.87 -8.74 -20.76
CA THR A 24 2.10 -7.95 -20.97
C THR A 24 2.60 -7.46 -19.61
N GLN A 25 3.90 -7.15 -19.50
CA GLN A 25 4.42 -6.68 -18.23
C GLN A 25 4.06 -5.24 -17.97
N ARG A 26 3.48 -4.98 -16.78
CA ARG A 26 3.10 -3.64 -16.37
C ARG A 26 2.98 -3.62 -14.84
N HIS A 27 3.04 -2.42 -14.25
CA HIS A 27 2.87 -2.20 -12.82
C HIS A 27 1.43 -2.64 -12.47
N LEU A 28 1.27 -3.44 -11.43
CA LEU A 28 -0.05 -3.89 -10.97
C LEU A 28 -0.49 -3.13 -9.70
N CYS A 29 0.38 -3.09 -8.68
CA CYS A 29 0.07 -2.53 -7.38
C CYS A 29 1.33 -2.13 -6.68
N GLY A 30 1.17 -1.43 -5.58
CA GLY A 30 2.29 -1.15 -4.69
C GLY A 30 2.32 -2.24 -3.62
N GLY A 31 3.33 -2.18 -2.78
CA GLY A 31 3.54 -3.10 -1.68
C GLY A 31 4.61 -2.53 -0.77
N SER A 32 4.78 -3.17 0.41
CA SER A 32 5.78 -2.75 1.39
C SER A 32 6.56 -3.94 1.85
N ILE A 33 7.87 -3.77 1.96
CA ILE A 33 8.76 -4.80 2.52
C ILE A 33 8.52 -4.77 4.03
N ILE A 34 8.16 -5.92 4.62
CA ILE A 34 7.95 -6.00 6.08
C ILE A 34 8.87 -7.05 6.72
N GLY A 35 9.54 -7.84 5.91
CA GLY A 35 10.46 -8.90 6.33
C GLY A 35 11.32 -9.29 5.15
N ASN A 36 12.36 -10.10 5.36
CA ASN A 36 13.32 -10.36 4.27
C ASN A 36 12.77 -11.27 3.17
N GLN A 37 11.57 -11.82 3.33
CA GLN A 37 10.99 -12.56 2.21
C GLN A 37 9.50 -12.23 2.13
N TRP A 38 9.12 -11.07 2.69
CA TRP A 38 7.70 -10.70 2.83
C TRP A 38 7.33 -9.34 2.35
N ILE A 39 6.29 -9.30 1.53
CA ILE A 39 5.69 -8.05 1.02
C ILE A 39 4.26 -8.00 1.55
N LEU A 40 3.86 -6.85 2.12
CA LEU A 40 2.48 -6.66 2.55
C LEU A 40 1.82 -5.77 1.51
N THR A 41 0.64 -6.19 1.03
CA THR A 41 -0.06 -5.47 -0.03
C THR A 41 -1.56 -5.69 0.14
N ALA A 42 -2.36 -5.27 -0.85
CA ALA A 42 -3.82 -5.39 -0.82
C ALA A 42 -4.29 -6.67 -1.51
N ALA A 43 -5.28 -7.34 -0.92
CA ALA A 43 -5.87 -8.55 -1.49
C ALA A 43 -6.50 -8.32 -2.87
N HIS A 44 -7.15 -7.15 -3.07
CA HIS A 44 -7.87 -6.88 -4.35
C HIS A 44 -6.94 -6.80 -5.57
N CYS A 45 -5.64 -6.60 -5.34
CA CYS A 45 -4.64 -6.57 -6.43
C CYS A 45 -4.62 -7.88 -7.21
N PHE A 46 -5.00 -9.00 -6.55
CA PHE A 46 -4.91 -10.33 -7.15
C PHE A 46 -6.20 -10.81 -7.79
N TYR A 47 -7.17 -9.89 -8.03
CA TYR A 47 -8.43 -10.29 -8.69
C TYR A 47 -8.05 -10.91 -10.04
N GLY A 48 -8.47 -12.14 -10.29
CA GLY A 48 -8.13 -12.85 -11.52
C GLY A 48 -6.67 -13.26 -11.72
N VAL A 49 -5.78 -13.09 -10.69
CA VAL A 49 -4.38 -13.54 -10.76
C VAL A 49 -4.47 -15.03 -10.35
N GLU A 50 -4.24 -15.94 -11.29
CA GLU A 50 -4.41 -17.37 -11.02
C GLU A 50 -3.16 -18.08 -10.57
N SER A 51 -2.01 -17.41 -10.69
CA SER A 51 -0.74 -18.02 -10.33
C SER A 51 0.26 -16.97 -9.82
N PRO A 52 1.13 -17.31 -8.85
CA PRO A 52 2.16 -16.33 -8.43
C PRO A 52 3.29 -16.21 -9.47
N LYS A 53 3.30 -17.13 -10.46
CA LYS A 53 4.30 -17.23 -11.56
C LYS A 53 4.33 -16.03 -12.47
N ILE A 54 3.23 -15.27 -12.56
CA ILE A 54 3.13 -14.08 -13.43
C ILE A 54 3.57 -12.80 -12.71
N LEU A 55 3.91 -12.88 -11.42
CA LEU A 55 4.26 -11.71 -10.61
C LEU A 55 5.76 -11.47 -10.46
N ARG A 56 6.16 -10.19 -10.38
CA ARG A 56 7.55 -9.77 -10.19
C ARG A 56 7.54 -8.61 -9.24
N VAL A 57 8.33 -8.71 -8.19
CA VAL A 57 8.44 -7.64 -7.19
C VAL A 57 9.76 -6.91 -7.45
N TYR A 58 9.71 -5.58 -7.63
CA TYR A 58 10.91 -4.78 -7.79
C TYR A 58 11.01 -3.85 -6.60
N SER A 59 12.16 -3.89 -5.92
CA SER A 59 12.44 -3.03 -4.78
C SER A 59 13.58 -2.08 -5.21
N GLY A 60 13.83 -1.03 -4.43
CA GLY A 60 14.91 -0.09 -4.73
C GLY A 60 14.67 0.69 -6.01
N ILE A 61 13.40 0.89 -6.36
CA ILE A 61 13.03 1.59 -7.59
C ILE A 61 12.50 2.97 -7.24
N LEU A 62 13.00 4.01 -7.93
CA LEU A 62 12.39 5.33 -7.82
C LEU A 62 11.55 5.51 -9.09
N ASN A 63 12.15 5.22 -10.26
CA ASN A 63 11.52 5.41 -11.57
C ASN A 63 11.16 4.10 -12.25
N GLN A 64 9.93 3.97 -12.78
CA GLN A 64 9.52 2.77 -13.51
C GLN A 64 10.45 2.50 -14.70
N SER A 65 11.06 3.56 -15.28
CA SER A 65 12.01 3.42 -16.40
C SER A 65 13.30 2.67 -16.02
N GLU A 66 13.53 2.42 -14.70
CA GLU A 66 14.67 1.62 -14.25
C GLU A 66 14.42 0.14 -14.56
N ILE A 67 13.15 -0.21 -14.83
CA ILE A 67 12.74 -1.60 -15.09
C ILE A 67 12.77 -1.94 -16.56
N LYS A 68 13.66 -2.87 -16.92
CA LYS A 68 13.77 -3.41 -18.27
C LYS A 68 13.87 -4.92 -18.08
N GLU A 69 14.01 -5.69 -19.18
CA GLU A 69 14.13 -7.16 -19.12
C GLU A 69 15.32 -7.62 -18.30
N ASP A 70 16.40 -6.82 -18.24
CA ASP A 70 17.63 -7.18 -17.50
C ASP A 70 17.63 -6.70 -16.03
N THR A 71 16.53 -6.06 -15.56
CA THR A 71 16.44 -5.57 -14.18
C THR A 71 16.12 -6.72 -13.26
N SER A 72 16.86 -6.84 -12.14
CA SER A 72 16.60 -7.90 -11.19
C SER A 72 15.29 -7.65 -10.44
N PHE A 73 14.59 -8.72 -10.10
CA PHE A 73 13.32 -8.69 -9.39
C PHE A 73 13.26 -9.88 -8.43
N PHE A 74 12.23 -9.93 -7.56
CA PHE A 74 11.97 -11.05 -6.66
C PHE A 74 10.78 -11.79 -7.21
N GLY A 75 10.94 -13.11 -7.36
CA GLY A 75 9.85 -13.98 -7.77
C GLY A 75 8.96 -14.20 -6.56
N VAL A 76 7.72 -14.52 -6.79
CA VAL A 76 6.75 -14.74 -5.71
C VAL A 76 6.51 -16.26 -5.58
N GLN A 77 6.77 -16.79 -4.40
CA GLN A 77 6.61 -18.19 -4.09
C GLN A 77 5.13 -18.47 -3.78
N GLU A 78 4.50 -17.56 -3.04
CA GLU A 78 3.14 -17.78 -2.57
C GLU A 78 2.41 -16.46 -2.39
N ILE A 79 1.11 -16.46 -2.70
CA ILE A 79 0.21 -15.33 -2.48
C ILE A 79 -0.68 -15.75 -1.31
N ILE A 80 -0.67 -15.01 -0.20
CA ILE A 80 -1.52 -15.31 0.96
C ILE A 80 -2.53 -14.18 1.11
N ILE A 81 -3.79 -14.46 0.80
CA ILE A 81 -4.91 -13.51 0.91
C ILE A 81 -5.67 -13.80 2.18
N HIS A 82 -6.04 -12.76 2.97
CA HIS A 82 -6.83 -12.97 4.18
C HIS A 82 -8.07 -13.83 3.81
N ASP A 83 -8.36 -14.92 4.54
CA ASP A 83 -9.44 -15.79 4.11
C ASP A 83 -10.84 -15.23 4.36
N GLN A 84 -10.96 -14.07 5.06
CA GLN A 84 -12.25 -13.41 5.23
C GLN A 84 -12.47 -12.36 4.11
N TYR A 85 -11.45 -12.11 3.27
CA TYR A 85 -11.55 -11.12 2.18
C TYR A 85 -12.58 -11.50 1.14
N LYS A 86 -13.47 -10.57 0.81
CA LYS A 86 -14.47 -10.71 -0.25
C LYS A 86 -14.25 -9.55 -1.25
N MET A 87 -14.13 -8.31 -0.74
CA MET A 87 -13.90 -7.14 -1.59
C MET A 87 -13.33 -6.01 -0.75
N ALA A 88 -12.62 -5.06 -1.40
CA ALA A 88 -11.97 -3.91 -0.73
C ALA A 88 -12.95 -3.18 0.16
N GLU A 89 -14.15 -2.86 -0.37
CA GLU A 89 -15.18 -2.11 0.36
C GLU A 89 -15.70 -2.78 1.61
N SER A 90 -15.52 -4.11 1.73
CA SER A 90 -15.95 -4.84 2.92
C SER A 90 -14.80 -5.11 3.93
N GLY A 91 -13.57 -4.68 3.62
CA GLY A 91 -12.44 -4.90 4.53
C GLY A 91 -11.68 -6.18 4.26
N TYR A 92 -10.77 -6.53 5.21
CA TYR A 92 -9.86 -7.69 5.09
C TYR A 92 -9.03 -7.59 3.81
N ASP A 93 -8.83 -6.34 3.31
CA ASP A 93 -8.10 -6.13 2.07
C ASP A 93 -6.60 -6.12 2.37
N ILE A 94 -6.09 -7.33 2.61
CA ILE A 94 -4.70 -7.53 2.98
C ILE A 94 -4.21 -8.86 2.44
N ALA A 95 -2.97 -8.86 1.95
CA ALA A 95 -2.35 -10.04 1.41
C ALA A 95 -0.86 -9.95 1.66
N LEU A 96 -0.20 -11.09 1.70
CA LEU A 96 1.24 -11.23 1.83
C LEU A 96 1.77 -11.94 0.63
N LEU A 97 2.95 -11.55 0.19
CA LEU A 97 3.65 -12.25 -0.86
C LEU A 97 4.88 -12.82 -0.20
N LYS A 98 5.05 -14.14 -0.31
CA LYS A 98 6.25 -14.78 0.17
C LYS A 98 7.15 -14.84 -1.05
N LEU A 99 8.34 -14.27 -0.92
CA LEU A 99 9.28 -14.17 -2.02
C LEU A 99 10.11 -15.44 -2.15
N GLU A 100 10.50 -15.79 -3.39
CA GLU A 100 11.30 -16.99 -3.68
C GLU A 100 12.71 -16.87 -3.14
N THR A 101 13.22 -15.65 -3.03
CA THR A 101 14.55 -15.37 -2.46
C THR A 101 14.43 -14.26 -1.45
N THR A 102 15.50 -14.10 -0.67
CA THR A 102 15.69 -13.14 0.41
C THR A 102 16.10 -11.75 -0.12
N VAL A 103 15.46 -10.69 0.40
CA VAL A 103 15.82 -9.31 0.09
C VAL A 103 17.06 -9.00 0.92
N GLY A 104 18.13 -8.51 0.28
CA GLY A 104 19.32 -8.06 0.99
C GLY A 104 19.07 -6.62 1.38
N TYR A 105 19.03 -6.32 2.69
CA TYR A 105 18.75 -4.96 3.17
C TYR A 105 19.92 -3.98 2.89
N GLY A 106 19.58 -2.76 2.53
CA GLY A 106 20.57 -1.72 2.26
C GLY A 106 19.90 -0.38 2.25
N ASP A 107 20.65 0.68 1.89
CA ASP A 107 20.12 2.05 1.86
C ASP A 107 19.02 2.24 0.79
N SER A 108 18.88 1.31 -0.18
CA SER A 108 17.81 1.38 -1.21
C SER A 108 16.57 0.52 -0.92
N GLN A 109 16.68 -0.47 -0.02
CA GLN A 109 15.58 -1.39 0.27
C GLN A 109 15.74 -1.95 1.65
N ARG A 110 14.73 -1.74 2.47
CA ARG A 110 14.73 -2.20 3.86
C ARG A 110 13.29 -2.28 4.34
N PRO A 111 13.02 -2.94 5.50
CA PRO A 111 11.63 -3.10 5.94
C PRO A 111 11.10 -1.91 6.73
N ILE A 112 9.78 -1.78 6.74
CA ILE A 112 9.10 -0.78 7.55
C ILE A 112 8.55 -1.56 8.75
N CYS A 113 8.62 -0.97 9.97
CA CYS A 113 8.08 -1.53 11.19
C CYS A 113 6.56 -1.57 11.09
N LEU A 114 6.00 -2.62 11.63
CA LEU A 114 4.54 -2.73 11.73
C LEU A 114 4.15 -1.90 12.94
N PRO A 115 2.91 -1.40 13.06
CA PRO A 115 2.57 -0.62 14.25
C PRO A 115 2.58 -1.52 15.50
N SER A 116 2.83 -0.92 16.67
CA SER A 116 2.78 -1.67 17.94
C SER A 116 1.32 -1.72 18.43
N LYS A 117 0.92 -2.86 19.05
CA LYS A 117 -0.41 -3.13 19.60
C LYS A 117 -0.85 -2.08 20.63
N GLY A 118 0.11 -1.63 21.45
CA GLY A 118 -0.10 -0.58 22.44
C GLY A 118 -0.32 0.77 21.81
N ASP A 119 0.37 1.00 20.66
CA ASP A 119 0.31 2.23 19.88
C ASP A 119 -1.03 2.45 19.13
N ARG A 120 -2.05 1.57 19.35
CA ARG A 120 -3.39 1.72 18.75
C ARG A 120 -4.05 3.00 19.33
N ASN A 121 -3.52 3.49 20.48
CA ASN A 121 -3.94 4.69 21.20
C ASN A 121 -2.96 5.88 20.98
N VAL A 122 -2.25 5.91 19.83
CA VAL A 122 -1.36 7.04 19.49
C VAL A 122 -1.94 7.81 18.28
N ILE A 123 -1.76 9.13 18.30
CA ILE A 123 -2.24 10.05 17.27
C ILE A 123 -1.09 10.26 16.29
N TYR A 124 -1.28 9.83 15.05
CA TYR A 124 -0.25 10.00 14.02
C TYR A 124 -0.56 11.28 13.29
N THR A 125 0.42 12.21 13.30
CA THR A 125 0.28 13.55 12.71
C THR A 125 1.20 13.76 11.51
N ASP A 126 2.02 12.75 11.18
CA ASP A 126 2.97 12.82 10.07
C ASP A 126 2.85 11.57 9.16
N CYS A 127 1.76 11.50 8.37
CA CYS A 127 1.43 10.37 7.48
C CYS A 127 1.54 10.70 6.03
N TRP A 128 2.16 9.80 5.26
CA TRP A 128 2.37 9.98 3.82
C TRP A 128 1.92 8.75 3.02
N VAL A 129 1.28 9.00 1.88
CA VAL A 129 0.83 7.98 0.94
C VAL A 129 1.70 8.10 -0.31
N THR A 130 2.27 6.97 -0.76
CA THR A 130 3.20 6.92 -1.87
C THR A 130 2.77 5.93 -2.92
N GLY A 131 3.18 6.19 -4.17
CA GLY A 131 2.87 5.26 -5.25
C GLY A 131 3.15 5.79 -6.62
N TRP A 132 3.02 4.90 -7.63
CA TRP A 132 3.20 5.25 -9.04
C TRP A 132 1.82 5.42 -9.73
N GLY A 133 0.76 5.53 -8.95
CA GLY A 133 -0.60 5.65 -9.48
C GLY A 133 -0.91 6.96 -10.18
N TYR A 134 -2.13 7.07 -10.71
CA TYR A 134 -2.62 8.23 -11.46
C TYR A 134 -2.59 9.49 -10.62
N ARG A 135 -2.44 10.65 -11.27
CA ARG A 135 -2.45 11.99 -10.64
C ARG A 135 -3.86 12.57 -10.70
N LYS A 136 -4.77 11.90 -11.42
CA LYS A 136 -6.18 12.25 -11.62
C LYS A 136 -6.93 11.02 -12.11
N LEU A 137 -8.27 10.98 -11.97
CA LEU A 137 -9.05 9.79 -12.33
C LEU A 137 -8.74 9.26 -13.73
N ARG A 138 -8.63 10.12 -14.74
CA ARG A 138 -8.30 9.65 -16.08
C ARG A 138 -6.86 10.06 -16.34
N ASP A 139 -5.93 9.11 -16.19
CA ASP A 139 -4.50 9.37 -16.31
C ASP A 139 -3.78 8.08 -16.67
N LYS A 140 -2.55 7.93 -16.19
CA LYS A 140 -1.72 6.77 -16.44
C LYS A 140 -0.74 6.62 -15.29
N ILE A 141 -0.16 5.43 -15.16
CA ILE A 141 0.89 5.08 -14.18
C ILE A 141 2.03 6.07 -14.34
N GLN A 142 2.51 6.63 -13.23
CA GLN A 142 3.57 7.62 -13.22
C GLN A 142 4.97 6.98 -13.23
N ASN A 143 5.93 7.62 -13.92
CA ASN A 143 7.30 7.13 -13.96
C ASN A 143 7.94 7.21 -12.59
N THR A 144 7.89 8.40 -11.94
CA THR A 144 8.55 8.66 -10.65
C THR A 144 7.60 8.44 -9.50
N LEU A 145 8.08 7.72 -8.46
CA LEU A 145 7.33 7.48 -7.23
C LEU A 145 6.88 8.83 -6.64
N GLN A 146 5.57 9.00 -6.41
CA GLN A 146 5.03 10.24 -5.84
C GLN A 146 4.74 10.05 -4.39
N LYS A 147 4.65 11.17 -3.64
CA LYS A 147 4.35 11.19 -2.23
C LYS A 147 3.39 12.32 -1.93
N ALA A 148 2.53 12.13 -0.93
CA ALA A 148 1.60 13.17 -0.47
C ALA A 148 1.40 13.01 1.02
N LYS A 149 1.48 14.12 1.77
CA LYS A 149 1.23 14.13 3.22
C LYS A 149 -0.26 14.26 3.41
N ILE A 150 -0.87 13.33 4.14
CA ILE A 150 -2.33 13.31 4.28
C ILE A 150 -2.71 13.20 5.73
N PRO A 151 -3.70 13.97 6.26
CA PRO A 151 -4.06 13.79 7.69
C PRO A 151 -4.96 12.56 7.87
N LEU A 152 -4.79 11.87 8.99
CA LEU A 152 -5.70 10.76 9.33
C LEU A 152 -7.03 11.38 9.75
N VAL A 153 -8.11 10.65 9.51
CA VAL A 153 -9.47 11.04 9.83
C VAL A 153 -10.06 9.98 10.77
N THR A 154 -10.88 10.37 11.78
CA THR A 154 -11.46 9.38 12.69
C THR A 154 -12.45 8.50 11.92
N ASN A 155 -12.73 7.30 12.46
CA ASN A 155 -13.71 6.35 11.92
C ASN A 155 -15.09 7.02 11.83
N GLU A 156 -15.48 7.80 12.87
CA GLU A 156 -16.79 8.49 12.92
C GLU A 156 -16.93 9.47 11.77
N GLU A 157 -15.91 10.30 11.56
CA GLU A 157 -15.88 11.24 10.46
C GLU A 157 -15.88 10.51 9.11
N CYS A 158 -15.05 9.44 8.96
CA CYS A 158 -15.03 8.66 7.71
C CYS A 158 -16.36 8.00 7.41
N GLN A 159 -17.06 7.51 8.45
CA GLN A 159 -18.37 6.88 8.28
C GLN A 159 -19.40 7.91 7.75
N LYS A 160 -19.33 9.18 8.25
CA LYS A 160 -20.21 10.27 7.77
C LYS A 160 -20.01 10.51 6.28
N ARG A 161 -18.77 10.33 5.79
CA ARG A 161 -18.39 10.59 4.40
C ARG A 161 -18.78 9.49 3.45
N TYR A 162 -19.02 8.28 3.98
CA TYR A 162 -19.36 7.10 3.20
C TYR A 162 -20.70 6.51 3.61
N ARG A 163 -21.77 7.28 3.40
CA ARG A 163 -23.13 6.79 3.66
C ARG A 163 -23.43 5.61 2.72
N GLY A 164 -23.98 4.54 3.27
CA GLY A 164 -24.26 3.36 2.46
C GLY A 164 -23.18 2.31 2.57
N HIS A 165 -22.01 2.67 3.13
CA HIS A 165 -20.92 1.71 3.38
C HIS A 165 -20.82 1.49 4.86
N LYS A 166 -20.07 0.47 5.25
CA LYS A 166 -19.81 0.23 6.66
C LYS A 166 -18.30 0.40 6.84
N ILE A 167 -17.88 1.53 7.44
CA ILE A 167 -16.46 1.79 7.72
C ILE A 167 -16.18 1.19 9.10
N THR A 168 -15.44 0.08 9.11
CA THR A 168 -15.13 -0.67 10.32
C THR A 168 -13.86 -0.15 10.97
N HIS A 169 -13.57 -0.60 12.22
CA HIS A 169 -12.35 -0.22 12.91
C HIS A 169 -11.12 -0.95 12.33
N LYS A 170 -11.34 -1.92 11.40
CA LYS A 170 -10.27 -2.59 10.64
C LYS A 170 -9.89 -1.77 9.37
N MET A 171 -10.54 -0.60 9.22
CA MET A 171 -10.24 0.38 8.17
C MET A 171 -9.75 1.66 8.84
N ILE A 172 -8.92 2.42 8.13
CA ILE A 172 -8.46 3.73 8.60
C ILE A 172 -8.51 4.65 7.40
N CYS A 173 -9.03 5.88 7.60
CA CYS A 173 -9.21 6.84 6.52
C CYS A 173 -8.28 7.99 6.65
N ALA A 174 -7.99 8.62 5.52
CA ALA A 174 -7.10 9.78 5.48
C ALA A 174 -7.46 10.66 4.29
N GLY A 175 -7.48 11.95 4.55
CA GLY A 175 -7.79 12.92 3.51
C GLY A 175 -8.13 14.26 4.09
N TYR A 176 -8.00 15.31 3.28
CA TYR A 176 -8.38 16.67 3.64
C TYR A 176 -9.87 16.84 3.36
N ARG A 177 -10.57 17.58 4.22
CA ARG A 177 -12.00 17.81 4.03
C ARG A 177 -12.30 18.36 2.62
N GLU A 178 -11.41 19.23 2.12
CA GLU A 178 -11.58 19.89 0.82
C GLU A 178 -11.04 19.10 -0.36
N GLY A 179 -10.47 17.91 -0.11
CA GLY A 179 -9.87 17.06 -1.14
C GLY A 179 -8.51 17.56 -1.57
N GLY A 180 -8.06 17.14 -2.74
CA GLY A 180 -6.81 17.61 -3.34
C GLY A 180 -5.61 16.69 -3.26
N LYS A 181 -5.52 15.87 -2.20
CA LYS A 181 -4.39 14.96 -2.03
C LYS A 181 -4.92 13.59 -1.65
N ASP A 182 -4.53 12.56 -2.39
CA ASP A 182 -5.05 11.20 -2.13
C ASP A 182 -4.31 10.20 -2.96
N ALA A 183 -4.59 8.91 -2.72
CA ALA A 183 -4.17 7.81 -3.57
C ALA A 183 -5.13 7.81 -4.75
N CYS A 184 -4.73 7.17 -5.84
CA CYS A 184 -5.57 6.99 -7.02
CA CYS A 184 -5.58 7.03 -7.03
C CYS A 184 -5.18 5.70 -7.72
N LYS A 185 -5.78 5.37 -8.85
CA LYS A 185 -5.52 4.12 -9.59
C LYS A 185 -4.04 3.78 -9.73
N GLY A 186 -3.65 2.61 -9.26
CA GLY A 186 -2.26 2.15 -9.30
C GLY A 186 -1.54 2.27 -7.99
N ASP A 187 -2.11 3.02 -7.03
CA ASP A 187 -1.47 3.18 -5.72
C ASP A 187 -1.82 2.08 -4.71
N SER A 188 -2.94 1.35 -4.98
CA SER A 188 -3.42 0.25 -4.11
CA SER A 188 -3.40 0.31 -4.05
C SER A 188 -2.34 -0.69 -3.71
N GLY A 189 -2.39 -1.16 -2.47
CA GLY A 189 -1.41 -2.13 -2.00
C GLY A 189 -0.22 -1.44 -1.37
N GLY A 190 0.01 -0.18 -1.73
CA GLY A 190 1.15 0.56 -1.21
C GLY A 190 0.94 0.99 0.22
N PRO A 191 1.98 1.59 0.84
CA PRO A 191 1.84 2.00 2.23
C PRO A 191 1.21 3.37 2.47
N LEU A 192 0.68 3.52 3.67
CA LEU A 192 0.33 4.77 4.33
C LEU A 192 1.32 4.71 5.51
N SER A 193 2.43 5.43 5.39
CA SER A 193 3.55 5.40 6.35
C SER A 193 3.49 6.62 7.26
N CYS A 194 3.53 6.39 8.58
CA CYS A 194 3.45 7.46 9.58
C CYS A 194 4.69 7.45 10.46
N LYS A 195 5.33 8.62 10.65
CA LYS A 195 6.53 8.79 11.47
C LYS A 195 6.13 9.16 12.90
N HIS A 196 6.59 8.36 13.85
CA HIS A 196 6.30 8.56 15.27
C HIS A 196 7.56 8.20 16.05
N ASN A 197 8.06 9.15 16.88
CA ASN A 197 9.29 8.99 17.69
C ASN A 197 10.49 8.65 16.80
N GLU A 198 10.61 9.36 15.67
CA GLU A 198 11.66 9.21 14.64
C GLU A 198 11.68 7.84 13.93
N VAL A 199 10.60 7.05 14.06
CA VAL A 199 10.46 5.71 13.45
C VAL A 199 9.20 5.69 12.55
N TRP A 200 9.35 5.19 11.33
CA TRP A 200 8.26 5.06 10.39
C TRP A 200 7.53 3.78 10.68
N HIS A 201 6.21 3.83 10.63
CA HIS A 201 5.36 2.65 10.89
C HIS A 201 4.38 2.50 9.75
N LEU A 202 4.09 1.24 9.39
CA LEU A 202 3.14 0.94 8.31
C LEU A 202 1.76 0.98 8.93
N VAL A 203 1.09 2.13 8.85
CA VAL A 203 -0.20 2.33 9.48
C VAL A 203 -1.34 1.83 8.60
N GLY A 204 -1.23 2.04 7.29
CA GLY A 204 -2.28 1.59 6.38
C GLY A 204 -1.76 0.98 5.11
N ILE A 205 -2.67 0.27 4.40
CA ILE A 205 -2.45 -0.27 3.07
C ILE A 205 -3.51 0.42 2.22
N THR A 206 -3.10 1.13 1.15
CA THR A 206 -4.02 1.81 0.23
C THR A 206 -5.04 0.82 -0.30
N SER A 207 -6.33 1.12 -0.11
CA SER A 207 -7.36 0.17 -0.45
C SER A 207 -8.40 0.73 -1.42
N TRP A 208 -9.22 1.67 -0.97
CA TRP A 208 -10.29 2.19 -1.86
C TRP A 208 -10.76 3.61 -1.50
N GLY A 209 -11.56 4.20 -2.38
CA GLY A 209 -12.17 5.51 -2.21
C GLY A 209 -13.21 5.78 -3.29
N GLU A 210 -14.10 6.76 -3.09
CA GLU A 210 -15.06 7.10 -4.15
C GLU A 210 -14.36 8.19 -4.96
N GLY A 211 -13.85 7.82 -6.14
CA GLY A 211 -13.06 8.68 -7.02
C GLY A 211 -11.72 8.93 -6.37
N CYS A 212 -10.99 10.00 -6.76
CA CYS A 212 -9.67 10.28 -6.19
CA CYS A 212 -9.76 10.24 -6.02
C CYS A 212 -9.58 11.71 -5.69
N ALA A 213 -9.19 11.94 -4.44
CA ALA A 213 -8.97 13.26 -3.83
C ALA A 213 -10.18 14.18 -3.86
N GLN A 214 -11.40 13.60 -3.86
CA GLN A 214 -12.59 14.45 -3.88
C GLN A 214 -12.84 15.04 -2.52
N ARG A 215 -13.44 16.21 -2.49
CA ARG A 215 -13.84 16.87 -1.25
C ARG A 215 -14.74 15.86 -0.47
N GLU A 216 -14.51 15.74 0.83
CA GLU A 216 -15.28 14.92 1.77
C GLU A 216 -15.37 13.44 1.38
N ARG A 217 -14.32 12.92 0.71
CA ARG A 217 -14.22 11.51 0.34
C ARG A 217 -12.81 11.06 0.73
N PRO A 218 -12.55 10.78 2.02
CA PRO A 218 -11.18 10.34 2.40
C PRO A 218 -10.80 9.01 1.75
N GLY A 219 -9.51 8.77 1.56
CA GLY A 219 -9.03 7.50 1.04
C GLY A 219 -9.23 6.50 2.16
N VAL A 220 -9.60 5.26 1.84
CA VAL A 220 -9.82 4.18 2.83
C VAL A 220 -8.68 3.21 2.70
N TYR A 221 -8.08 2.89 3.85
CA TYR A 221 -6.92 2.07 4.00
C TYR A 221 -7.17 0.92 4.94
N THR A 222 -6.50 -0.22 4.72
CA THR A 222 -6.56 -1.34 5.67
C THR A 222 -5.81 -0.85 6.93
N ASN A 223 -6.44 -0.97 8.10
CA ASN A 223 -5.83 -0.51 9.36
C ASN A 223 -4.89 -1.61 9.84
N VAL A 224 -3.59 -1.46 9.51
CA VAL A 224 -2.58 -2.51 9.72
C VAL A 224 -2.48 -2.99 11.19
N VAL A 225 -2.58 -2.07 12.17
CA VAL A 225 -2.51 -2.46 13.59
C VAL A 225 -3.51 -3.58 13.93
N GLU A 226 -4.71 -3.58 13.28
CA GLU A 226 -5.74 -4.59 13.50
C GLU A 226 -5.41 -5.96 12.89
N TYR A 227 -4.29 -6.04 12.14
CA TYR A 227 -3.85 -7.25 11.45
C TYR A 227 -2.48 -7.74 11.87
N VAL A 228 -1.85 -7.10 12.85
CA VAL A 228 -0.54 -7.54 13.32
C VAL A 228 -0.55 -9.04 13.70
N ASP A 229 -1.58 -9.52 14.44
CA ASP A 229 -1.65 -10.96 14.79
C ASP A 229 -1.74 -11.84 13.55
N TRP A 230 -2.54 -11.43 12.57
CA TRP A 230 -2.69 -12.20 11.32
C TRP A 230 -1.36 -12.22 10.56
N ILE A 231 -0.65 -11.07 10.48
CA ILE A 231 0.66 -11.01 9.76
C ILE A 231 1.65 -11.98 10.41
N LEU A 232 1.77 -11.93 11.76
CA LEU A 232 2.66 -12.82 12.50
C LEU A 232 2.26 -14.28 12.34
N GLU A 233 0.94 -14.57 12.33
CA GLU A 233 0.47 -15.95 12.12
C GLU A 233 1.02 -16.53 10.83
N LYS A 234 0.95 -15.72 9.79
CA LYS A 234 1.36 -16.11 8.44
C LYS A 234 2.86 -16.09 8.19
N THR A 235 3.60 -15.10 8.73
CA THR A 235 5.05 -14.95 8.52
C THR A 235 5.90 -15.73 9.54
N GLN A 236 5.32 -16.07 10.72
CA GLN A 236 6.02 -16.76 11.81
C GLN A 236 5.51 -18.18 12.07
N ALA A 237 4.85 -18.80 11.06
CA ALA A 237 4.34 -20.16 11.12
C ALA A 237 5.50 -21.14 11.42
N VAL A 238 5.26 -22.13 12.29
CA VAL A 238 6.31 -23.08 12.69
C VAL A 238 6.57 -24.16 11.63
N14 5JM B . -5.26 -0.08 -10.07
C18 5JM B . -3.74 0.71 -13.93
C17 5JM B . -4.96 1.24 -13.53
C16 5JM B . -5.47 0.99 -12.28
C15 5JM B . -4.77 0.21 -11.37
C19 5JM B . -3.03 -0.07 -13.01
C20 5JM B . -3.53 -0.31 -11.74
C21 5JM B . -6.56 2.48 -5.57
C22 5JM B . -7.57 3.33 -5.61
C23 5JM B . -8.03 4.23 -4.54
C24 5JM B . -8.82 5.34 -4.91
C11 5JM B . -7.07 -3.81 -11.06
C12 5JM B . -7.68 -2.88 -10.21
C27 5JM B . -7.78 5.19 -2.33
C1 5JM B . -6.17 1.71 -6.78
N2 5JM B . -7.06 0.77 -7.18
O3 5JM B . -5.01 1.67 -7.18
C4 5JM B . -6.66 -0.28 -8.09
C5 5JM B . -6.43 0.27 -9.49
C6 5JM B . -7.65 -1.44 -8.15
C7 5JM B . -7.14 -2.60 -8.96
C8 5JM B . -6.00 -3.29 -8.57
C9 5JM B . -5.38 -4.20 -9.43
C10 5JM B . -5.92 -4.46 -10.66
O13 5JM B . -7.32 0.90 -10.05
C25 5JM B . -9.02 6.39 -4.01
C26 5JM B . -8.51 6.31 -2.71
C28 5JM B . -7.55 4.15 -3.21
CL2 5JM B . -7.11 5.12 -0.72
N30 5JM B . -9.48 5.38 -6.17
C31 5JM B . -10.78 5.50 -6.54
N32 5JM B . -10.88 5.46 -7.83
N33 5JM B . -9.63 5.29 -8.30
N34 5JM B . -8.78 5.25 -7.32
C35 5JM B . -3.20 0.98 -15.30
O36 5JM B . -3.68 1.85 -16.02
O37 5JM B . -2.11 0.33 -15.60
H47 5JM B . -4.61 -0.63 -9.51
H49 5JM B . -5.55 1.87 -14.20
H48 5JM B . -6.46 1.41 -12.10
H50 5JM B . -2.05 -0.49 -13.26
H51 5JM B . -2.92 -0.90 -11.06
H52 5JM B . -5.73 2.73 -4.92
H53 5JM B . -8.40 3.05 -6.26
H45 5JM B . -7.51 -4.00 -12.03
H46 5JM B . -8.60 -2.39 -10.54
H38 5JM B . -8.03 0.76 -6.87
H39 5JM B . -5.74 -0.72 -7.69
H41 5JM B . -8.58 -1.08 -8.58
H40 5JM B . -7.96 -1.74 -7.15
H42 5JM B . -5.58 -3.13 -7.58
H43 5JM B . -4.48 -4.71 -9.10
H44 5JM B . -5.44 -5.17 -11.33
H54 5JM B . -9.53 7.29 -4.29
H55 5JM B . -8.68 7.12 -2.00
H56 5JM B . -7.02 3.25 -2.89
H57 5JM B . -11.61 5.62 -5.85
H58 5JM B . -1.79 0.54 -16.52
S SO4 C . 12.35 5.27 -3.49
O1 SO4 C . 11.59 4.17 -4.02
O2 SO4 C . 11.58 6.54 -3.45
O3 SO4 C . 13.53 5.52 -4.37
O4 SO4 C . 12.73 4.93 -2.08
S SO4 D . -20.59 17.76 8.64
O1 SO4 D . -21.89 17.97 9.27
O2 SO4 D . -20.75 16.83 7.52
O3 SO4 D . -19.64 17.21 9.61
O4 SO4 D . -20.07 19.02 8.13
C1 EDO E . -11.82 1.67 -8.38
O1 EDO E . -12.50 2.25 -9.48
C2 EDO E . -10.30 1.79 -8.62
O2 EDO E . -10.02 1.11 -9.83
C1 EDO F . 19.43 -8.83 5.81
O1 EDO F . 19.75 -8.06 4.68
C2 EDO F . 18.04 -9.46 5.63
O2 EDO F . 17.97 -10.16 4.40
C1 EDO G . 6.81 5.18 -17.27
O1 EDO G . 8.13 4.76 -16.92
C2 EDO G . 5.72 4.60 -16.31
O2 EDO G . 5.15 3.41 -16.84
C1 EDO H . 19.16 9.59 -7.82
O1 EDO H . 20.10 10.55 -7.33
C2 EDO H . 18.12 10.26 -8.77
O2 EDO H . 17.62 9.28 -9.65
C1 EDO I . -14.92 4.94 -8.33
O1 EDO I . -14.25 5.29 -7.16
C2 EDO I . -14.19 5.62 -9.49
O2 EDO I . -13.01 4.90 -9.76
C1 EDO J . -14.64 1.86 -4.89
O1 EDO J . -13.93 2.53 -5.91
C2 EDO J . -15.65 2.86 -4.29
O2 EDO J . -16.47 3.29 -5.34
C1 EDO K . -16.84 -2.29 13.28
O1 EDO K . -16.24 -1.14 13.90
C2 EDO K . -16.09 -3.57 13.71
O2 EDO K . -14.70 -3.46 13.39
C1 EDO L . -14.04 -5.79 9.89
O1 EDO L . -15.35 -6.32 9.72
C2 EDO L . -13.29 -5.71 8.53
O2 EDO L . -13.75 -4.62 7.75
C1 EDO M . -12.85 14.35 6.21
O1 EDO M . -14.07 14.89 5.77
C2 EDO M . -11.85 14.29 5.04
O2 EDO M . -12.59 14.02 3.87
#